data_1AM7
#
_entry.id   1AM7
#
_cell.length_a   73.010
_cell.length_b   78.800
_cell.length_c   82.310
_cell.angle_alpha   90.00
_cell.angle_beta   90.00
_cell.angle_gamma   90.00
#
_symmetry.space_group_name_H-M   'P 21 21 21'
#
loop_
_entity.id
_entity.type
_entity.pdbx_description
1 polymer LYSOZYME
2 non-polymer 'ISOPROPYL ALCOHOL'
3 water water
#
_entity_poly.entity_id   1
_entity_poly.type   'polypeptide(L)'
_entity_poly.pdbx_seq_one_letter_code
;MVEINNQRKAFLDMLA(TRN)SEGTDNGRQKTRNHGYDVIVGGELFTDYSDHPRKLVTLNPKLKSTGAGRYQLLSR
(TRN)(TRN)DAYRKQLGLKDFSPKSQDAVALQQIKERGALPMIDRGDIRQAIDRCSNI(TRN)ASLPGAGYGQFEHKAD
SLIAKFKEAGGTVREIDV
;
_entity_poly.pdbx_strand_id   A,B,C
#
# COMPACT_ATOMS: atom_id res chain seq x y z
N MET A 1 24.18 18.36 18.30
CA MET A 1 24.45 18.38 16.84
C MET A 1 25.27 17.13 16.47
N VAL A 2 24.85 16.47 15.40
CA VAL A 2 25.54 15.28 14.87
C VAL A 2 26.89 15.76 14.34
N GLU A 3 27.92 14.95 14.51
CA GLU A 3 29.24 15.32 14.06
C GLU A 3 29.39 15.26 12.53
N ILE A 4 30.19 16.17 12.00
CA ILE A 4 30.39 16.16 10.56
C ILE A 4 31.72 15.51 10.26
N ASN A 5 31.78 14.68 9.23
CA ASN A 5 33.02 14.05 8.82
C ASN A 5 33.01 14.16 7.32
N ASN A 6 34.07 13.71 6.66
CA ASN A 6 34.12 13.86 5.22
C ASN A 6 33.01 13.17 4.40
N GLN A 7 32.58 12.00 4.86
CA GLN A 7 31.54 11.25 4.15
C GLN A 7 30.22 11.99 4.26
N ARG A 8 29.92 12.46 5.47
CA ARG A 8 28.70 13.21 5.75
C ARG A 8 28.67 14.55 5.03
N LYS A 9 29.81 15.22 4.98
CA LYS A 9 29.89 16.52 4.28
C LYS A 9 29.61 16.29 2.81
N ALA A 10 30.24 15.28 2.24
CA ALA A 10 30.02 14.94 0.84
C ALA A 10 28.53 14.62 0.56
N PHE A 11 27.86 13.98 1.52
CA PHE A 11 26.45 13.66 1.34
C PHE A 11 25.63 14.95 1.36
N LEU A 12 25.95 15.88 2.26
CA LEU A 12 25.22 17.15 2.31
C LEU A 12 25.43 17.95 1.01
N ASP A 13 26.63 17.90 0.44
CA ASP A 13 26.89 18.61 -0.81
C ASP A 13 26.08 17.98 -1.97
N MET A 14 26.06 16.65 -2.02
CA MET A 14 25.32 15.94 -3.04
C MET A 14 23.85 16.32 -2.93
N LEU A 15 23.36 16.39 -1.68
CA LEU A 15 21.98 16.74 -1.39
C LEU A 15 21.67 18.17 -1.86
N ALA A 16 22.54 19.14 -1.54
CA ALA A 16 22.33 20.53 -1.94
C ALA A 16 22.29 20.62 -3.47
N SER A 18 21.43 18.04 -5.55
CA SER A 18 20.20 17.34 -5.92
C SER A 18 18.97 18.24 -5.74
N GLU A 19 18.87 18.93 -4.61
CA GLU A 19 17.74 19.80 -4.34
C GLU A 19 17.75 21.09 -5.14
N GLY A 20 18.84 21.38 -5.85
CA GLY A 20 18.89 22.58 -6.65
C GLY A 20 19.23 23.88 -5.95
N THR A 21 19.74 23.82 -4.72
CA THR A 21 20.09 25.05 -4.00
C THR A 21 21.54 25.44 -4.25
N ASP A 22 22.39 24.44 -4.43
CA ASP A 22 23.81 24.65 -4.68
C ASP A 22 24.22 23.78 -5.87
N ASN A 23 23.82 24.18 -7.07
CA ASN A 23 24.12 23.39 -8.26
C ASN A 23 24.83 24.13 -9.39
N GLY A 24 25.34 25.32 -9.10
CA GLY A 24 26.05 26.07 -10.11
C GLY A 24 25.17 26.88 -11.03
N ARG A 25 23.86 26.75 -10.92
CA ARG A 25 22.98 27.51 -11.80
C ARG A 25 22.06 28.40 -11.00
N GLN A 26 21.47 27.85 -9.94
CA GLN A 26 20.58 28.61 -9.09
C GLN A 26 21.41 29.72 -8.41
N LYS A 27 20.90 30.94 -8.46
CA LYS A 27 21.58 32.07 -7.86
C LYS A 27 21.65 31.91 -6.32
N THR A 28 22.79 32.30 -5.74
CA THR A 28 22.98 32.22 -4.30
C THR A 28 24.20 33.05 -3.88
N ARG A 29 24.18 33.60 -2.67
CA ARG A 29 25.32 34.37 -2.17
C ARG A 29 26.02 33.54 -1.12
N ASN A 30 25.51 32.34 -0.86
CA ASN A 30 26.08 31.53 0.19
C ASN A 30 25.85 30.03 0.06
N HIS A 31 26.30 29.47 -1.05
CA HIS A 31 26.20 28.03 -1.31
C HIS A 31 24.84 27.37 -1.12
N GLY A 32 23.77 28.09 -1.48
CA GLY A 32 22.43 27.56 -1.34
C GLY A 32 21.77 27.72 0.02
N TYR A 33 22.52 28.12 1.04
CA TYR A 33 21.96 28.29 2.38
C TYR A 33 20.94 29.42 2.50
N ASP A 34 20.82 30.21 1.45
CA ASP A 34 19.92 31.36 1.45
C ASP A 34 18.80 31.22 0.43
N VAL A 35 18.63 30.01 -0.08
CA VAL A 35 17.61 29.76 -1.09
C VAL A 35 16.23 29.37 -0.57
N ILE A 36 15.20 30.08 -1.06
CA ILE A 36 13.80 29.80 -0.71
C ILE A 36 13.24 29.03 -1.89
N VAL A 37 12.36 28.06 -1.61
CA VAL A 37 11.73 27.28 -2.67
C VAL A 37 11.20 28.25 -3.75
N GLY A 38 11.49 27.95 -5.01
CA GLY A 38 11.05 28.84 -6.06
C GLY A 38 12.23 29.63 -6.63
N GLY A 39 13.27 29.84 -5.82
CA GLY A 39 14.43 30.54 -6.31
C GLY A 39 14.78 31.89 -5.74
N GLU A 40 13.95 32.41 -4.84
CA GLU A 40 14.18 33.72 -4.21
C GLU A 40 15.23 33.54 -3.08
N LEU A 41 15.93 34.61 -2.71
CA LEU A 41 16.95 34.51 -1.67
C LEU A 41 16.56 35.31 -0.45
N PHE A 42 17.04 34.91 0.72
CA PHE A 42 16.76 35.66 1.95
C PHE A 42 18.12 36.08 2.51
N THR A 43 18.14 37.04 3.43
CA THR A 43 19.41 37.49 3.99
C THR A 43 19.46 37.44 5.51
N ASP A 44 18.30 37.31 6.14
CA ASP A 44 18.25 37.25 7.58
C ASP A 44 18.28 35.78 8.00
N TYR A 45 19.32 35.40 8.74
CA TYR A 45 19.48 34.01 9.17
C TYR A 45 19.00 33.70 10.57
N SER A 46 18.31 34.64 11.21
CA SER A 46 17.84 34.40 12.56
C SER A 46 16.66 33.42 12.64
N ASP A 47 15.98 33.23 11.51
CA ASP A 47 14.86 32.29 11.48
C ASP A 47 14.55 31.87 10.04
N HIS A 48 13.78 30.79 9.92
CA HIS A 48 13.33 30.27 8.63
C HIS A 48 12.54 31.43 8.04
N PRO A 49 12.69 31.72 6.75
CA PRO A 49 11.93 32.85 6.16
C PRO A 49 10.41 32.70 6.22
N ARG A 50 9.95 31.46 6.32
CA ARG A 50 8.52 31.16 6.43
C ARG A 50 7.61 31.67 5.31
N LYS A 51 8.09 31.65 4.07
CA LYS A 51 7.28 32.09 2.95
C LYS A 51 6.62 30.88 2.31
N LEU A 52 5.31 30.98 2.09
CA LEU A 52 4.60 29.91 1.41
C LEU A 52 4.62 30.33 -0.06
N VAL A 53 5.36 29.58 -0.85
CA VAL A 53 5.49 29.84 -2.28
C VAL A 53 4.60 28.88 -3.08
N THR A 54 3.85 29.43 -4.03
CA THR A 54 2.97 28.64 -4.87
C THR A 54 3.75 28.35 -6.13
N LEU A 55 4.05 27.07 -6.37
CA LEU A 55 4.79 26.68 -7.56
C LEU A 55 3.82 26.45 -8.72
N ASN A 56 2.59 26.08 -8.39
CA ASN A 56 1.50 25.87 -9.34
C ASN A 56 0.29 25.67 -8.44
N PRO A 57 -0.95 25.67 -8.97
CA PRO A 57 -2.14 25.49 -8.13
C PRO A 57 -2.19 24.30 -7.17
N LYS A 58 -1.60 23.18 -7.58
CA LYS A 58 -1.60 21.99 -6.76
C LYS A 58 -0.37 21.89 -5.84
N LEU A 59 0.67 22.70 -6.08
CA LEU A 59 1.89 22.62 -5.28
C LEU A 59 2.39 23.88 -4.56
N LYS A 60 2.28 23.86 -3.24
CA LYS A 60 2.74 24.94 -2.39
C LYS A 60 3.82 24.32 -1.48
N SER A 61 4.71 25.13 -0.93
CA SER A 61 5.79 24.62 -0.10
C SER A 61 6.45 25.76 0.66
N THR A 62 7.06 25.44 1.80
CA THR A 62 7.75 26.44 2.60
C THR A 62 9.24 26.10 2.69
N GLY A 63 9.71 25.20 1.83
CA GLY A 63 11.11 24.82 1.85
C GLY A 63 12.05 26.01 1.75
N ALA A 64 13.08 26.03 2.60
CA ALA A 64 14.07 27.11 2.59
C ALA A 64 15.40 26.58 3.06
N GLY A 65 16.45 27.27 2.72
CA GLY A 65 17.78 26.82 3.12
C GLY A 65 18.39 25.84 2.13
N ARG A 66 19.62 25.45 2.40
CA ARG A 66 20.35 24.56 1.53
C ARG A 66 19.70 23.21 1.30
N TYR A 67 18.92 22.74 2.25
CA TYR A 67 18.29 21.43 2.11
C TYR A 67 16.78 21.54 2.00
N GLN A 68 16.31 22.74 1.70
CA GLN A 68 14.89 23.00 1.52
C GLN A 68 14.02 22.43 2.64
N LEU A 69 14.30 22.86 3.86
CA LEU A 69 13.59 22.42 5.05
C LEU A 69 12.24 23.13 5.17
N LEU A 70 11.16 22.36 5.35
CA LEU A 70 9.81 22.93 5.51
C LEU A 70 9.73 23.62 6.88
N SER A 71 8.97 24.71 6.97
CA SER A 71 8.87 25.44 8.24
C SER A 71 8.37 24.63 9.41
N ARG A 72 7.39 23.74 9.19
CA ARG A 72 6.87 22.94 10.28
C ARG A 72 7.93 21.99 10.83
N ASP A 75 10.45 24.15 12.95
CA ASP A 75 9.98 24.39 14.31
C ASP A 75 10.18 23.19 15.22
N ALA A 76 9.86 22.01 14.70
CA ALA A 76 10.05 20.79 15.49
C ALA A 76 11.52 20.64 15.92
N TYR A 77 12.42 20.64 14.95
CA TYR A 77 13.85 20.49 15.21
C TYR A 77 14.52 21.63 15.93
N ARG A 78 14.11 22.87 15.69
CA ARG A 78 14.69 24.02 16.39
C ARG A 78 14.56 23.74 17.89
N LYS A 79 13.34 23.41 18.30
CA LYS A 79 12.98 23.13 19.68
C LYS A 79 13.76 21.93 20.22
N GLN A 80 13.69 20.84 19.49
CA GLN A 80 14.37 19.61 19.85
C GLN A 80 15.89 19.71 20.00
N LEU A 81 16.55 20.45 19.10
CA LEU A 81 18.00 20.56 19.14
C LEU A 81 18.52 21.80 19.86
N GLY A 82 17.62 22.67 20.28
CA GLY A 82 18.02 23.90 20.96
C GLY A 82 18.77 24.87 20.07
N LEU A 83 18.30 25.02 18.82
CA LEU A 83 18.93 25.92 17.87
C LEU A 83 18.44 27.35 18.06
N LYS A 84 19.36 28.29 18.01
CA LYS A 84 19.00 29.68 18.21
C LYS A 84 18.85 30.51 16.93
N ASP A 85 19.11 29.90 15.78
CA ASP A 85 19.00 30.61 14.52
C ASP A 85 18.89 29.62 13.35
N PHE A 86 18.72 30.16 12.14
CA PHE A 86 18.62 29.38 10.93
C PHE A 86 19.92 29.58 10.12
N SER A 87 21.06 29.67 10.82
CA SER A 87 22.36 29.86 10.18
C SER A 87 22.79 28.57 9.46
N PRO A 88 23.78 28.66 8.54
CA PRO A 88 24.23 27.46 7.82
C PRO A 88 24.52 26.30 8.76
N LYS A 89 25.18 26.55 9.89
CA LYS A 89 25.47 25.50 10.86
C LYS A 89 24.18 24.84 11.35
N SER A 90 23.16 25.65 11.66
CA SER A 90 21.89 25.12 12.13
C SER A 90 21.21 24.28 11.03
N GLN A 91 21.30 24.75 9.80
CA GLN A 91 20.70 24.03 8.68
C GLN A 91 21.34 22.66 8.51
N ASP A 92 22.67 22.61 8.60
CA ASP A 92 23.42 21.35 8.50
C ASP A 92 22.98 20.42 9.64
N ALA A 93 22.86 20.99 10.84
CA ALA A 93 22.49 20.23 12.03
C ALA A 93 21.18 19.49 11.85
N VAL A 94 20.16 20.21 11.37
CA VAL A 94 18.84 19.62 11.15
C VAL A 94 18.89 18.53 10.07
N ALA A 95 19.58 18.80 8.97
CA ALA A 95 19.69 17.81 7.90
C ALA A 95 20.31 16.53 8.44
N LEU A 96 21.42 16.66 9.16
CA LEU A 96 22.12 15.49 9.72
C LEU A 96 21.24 14.77 10.74
N GLN A 97 20.47 15.54 11.50
CA GLN A 97 19.58 14.94 12.49
C GLN A 97 18.55 14.07 11.80
N GLN A 98 17.99 14.57 10.70
CA GLN A 98 16.99 13.81 9.95
C GLN A 98 17.60 12.55 9.35
N ILE A 99 18.84 12.67 8.86
CA ILE A 99 19.55 11.54 8.28
C ILE A 99 19.81 10.50 9.36
N LYS A 100 20.15 10.96 10.56
CA LYS A 100 20.42 10.09 11.69
C LYS A 100 19.16 9.28 12.06
N GLU A 101 18.02 9.96 12.11
CA GLU A 101 16.76 9.33 12.45
C GLU A 101 16.25 8.31 11.44
N ARG A 102 16.81 8.34 10.24
CA ARG A 102 16.42 7.39 9.21
C ARG A 102 17.42 6.23 9.19
N GLY A 103 18.36 6.26 10.14
CA GLY A 103 19.37 5.22 10.24
C GLY A 103 20.37 5.16 9.10
N ALA A 104 20.54 6.27 8.37
CA ALA A 104 21.45 6.31 7.21
C ALA A 104 22.89 6.72 7.49
N LEU A 105 23.19 7.20 8.70
CA LEU A 105 24.56 7.61 9.01
C LEU A 105 25.59 6.48 8.82
N PRO A 106 25.33 5.28 9.37
CA PRO A 106 26.30 4.19 9.17
C PRO A 106 26.49 3.90 7.68
N MET A 107 25.40 3.96 6.91
CA MET A 107 25.45 3.71 5.47
C MET A 107 26.34 4.74 4.77
N ILE A 108 26.18 6.00 5.15
CA ILE A 108 26.98 7.09 4.58
C ILE A 108 28.46 6.92 4.98
N ASP A 109 28.70 6.71 6.27
CA ASP A 109 30.06 6.53 6.74
C ASP A 109 30.78 5.39 6.05
N ARG A 110 30.09 4.27 5.84
CA ARG A 110 30.74 3.13 5.19
C ARG A 110 30.80 3.19 3.65
N GLY A 111 30.12 4.15 3.04
CA GLY A 111 30.14 4.26 1.59
C GLY A 111 28.99 3.60 0.83
N ASP A 112 27.97 3.14 1.53
CA ASP A 112 26.81 2.52 0.88
C ASP A 112 25.83 3.64 0.55
N ILE A 113 26.23 4.47 -0.39
CA ILE A 113 25.43 5.63 -0.77
C ILE A 113 24.07 5.35 -1.40
N ARG A 114 23.99 4.31 -2.24
CA ARG A 114 22.74 3.94 -2.89
C ARG A 114 21.66 3.65 -1.80
N GLN A 115 22.06 2.96 -0.73
CA GLN A 115 21.15 2.63 0.37
C GLN A 115 20.76 3.90 1.12
N ALA A 116 21.75 4.73 1.43
CA ALA A 116 21.52 5.97 2.15
C ALA A 116 20.51 6.84 1.37
N ILE A 117 20.66 6.91 0.06
CA ILE A 117 19.77 7.71 -0.78
C ILE A 117 18.35 7.20 -0.66
N ASP A 118 18.19 5.88 -0.75
CA ASP A 118 16.88 5.26 -0.64
C ASP A 118 16.25 5.55 0.73
N ARG A 119 17.03 5.40 1.79
CA ARG A 119 16.52 5.66 3.14
C ARG A 119 16.11 7.10 3.33
N CYS A 120 16.82 8.01 2.66
CA CYS A 120 16.51 9.42 2.78
C CYS A 120 15.50 9.98 1.79
N SER A 121 15.04 9.15 0.87
CA SER A 121 14.08 9.61 -0.14
C SER A 121 12.76 10.11 0.46
N ASN A 122 12.41 9.65 1.66
CA ASN A 122 11.16 10.11 2.25
C ASN A 122 11.28 11.52 2.81
N ILE A 123 12.50 12.04 2.91
CA ILE A 123 12.70 13.39 3.45
C ILE A 123 12.87 14.40 2.33
N ALA A 125 12.52 15.38 -1.66
CA ALA A 125 11.81 15.10 -2.90
C ALA A 125 12.66 14.81 -4.15
N SER A 126 13.90 15.31 -4.19
CA SER A 126 14.75 15.05 -5.35
C SER A 126 15.42 13.69 -5.33
N LEU A 127 15.42 13.02 -4.18
CA LEU A 127 16.05 11.72 -4.06
C LEU A 127 15.10 10.62 -4.52
N PRO A 128 15.61 9.61 -5.22
CA PRO A 128 14.68 8.56 -5.65
C PRO A 128 14.49 7.42 -4.62
N GLY A 129 13.28 6.85 -4.57
CA GLY A 129 13.01 5.73 -3.68
C GLY A 129 13.33 4.46 -4.48
N ALA A 130 13.70 3.37 -3.83
CA ALA A 130 14.05 2.11 -4.53
C ALA A 130 12.94 1.42 -5.34
N GLY A 131 11.68 1.60 -4.97
CA GLY A 131 10.60 0.98 -5.72
C GLY A 131 10.18 1.83 -6.91
N TYR A 132 10.87 2.96 -7.08
CA TYR A 132 10.61 3.90 -8.18
C TYR A 132 11.18 3.42 -9.51
N GLY A 133 10.40 3.67 -10.55
CA GLY A 133 10.75 3.27 -11.89
C GLY A 133 12.20 3.41 -12.33
N GLN A 134 12.82 4.56 -12.06
CA GLN A 134 14.19 4.74 -12.53
C GLN A 134 15.25 4.95 -11.43
N PHE A 135 15.14 4.22 -10.32
CA PHE A 135 16.08 4.36 -9.20
C PHE A 135 17.56 4.31 -9.58
N GLU A 136 17.98 3.20 -10.18
CA GLU A 136 19.37 3.02 -10.55
C GLU A 136 19.98 4.14 -11.41
N HIS A 137 19.24 4.65 -12.38
CA HIS A 137 19.79 5.72 -13.20
C HIS A 137 19.96 7.05 -12.43
N LYS A 138 18.98 7.42 -11.61
CA LYS A 138 19.08 8.67 -10.85
C LYS A 138 20.16 8.54 -9.79
N ALA A 139 20.25 7.38 -9.15
CA ALA A 139 21.26 7.16 -8.12
C ALA A 139 22.66 7.35 -8.71
N ASP A 140 22.86 6.93 -9.95
CA ASP A 140 24.15 7.08 -10.61
C ASP A 140 24.63 8.51 -10.75
N SER A 141 23.74 9.43 -11.11
CA SER A 141 24.14 10.82 -11.21
C SER A 141 24.48 11.42 -9.83
N LEU A 142 23.76 11.00 -8.79
CA LEU A 142 23.97 11.44 -7.40
C LEU A 142 25.30 10.91 -6.85
N ILE A 143 25.61 9.67 -7.17
CA ILE A 143 26.84 9.03 -6.72
C ILE A 143 28.04 9.77 -7.30
N ALA A 144 27.90 10.21 -8.56
CA ALA A 144 28.97 10.96 -9.22
C ALA A 144 29.25 12.26 -8.44
N LYS A 145 28.19 12.98 -8.10
CA LYS A 145 28.30 14.22 -7.34
C LYS A 145 28.91 13.98 -5.98
N PHE A 146 28.49 12.89 -5.35
CA PHE A 146 29.00 12.53 -4.03
C PHE A 146 30.50 12.32 -4.12
N LYS A 147 30.94 11.60 -5.15
CA LYS A 147 32.37 11.34 -5.33
C LYS A 147 33.19 12.61 -5.62
N GLU A 148 32.64 13.54 -6.40
CA GLU A 148 33.42 14.74 -6.65
C GLU A 148 33.48 15.67 -5.45
N ALA A 149 32.57 15.47 -4.48
CA ALA A 149 32.58 16.26 -3.26
C ALA A 149 33.62 15.66 -2.29
N GLY A 150 34.30 14.59 -2.73
CA GLY A 150 35.31 13.95 -1.92
C GLY A 150 34.86 12.69 -1.17
N GLY A 151 33.63 12.26 -1.38
CA GLY A 151 33.14 11.07 -0.72
C GLY A 151 33.65 9.80 -1.39
N THR A 152 33.78 8.73 -0.62
CA THR A 152 34.24 7.46 -1.16
C THR A 152 33.07 6.47 -1.12
N VAL A 153 32.81 5.84 -2.25
CA VAL A 153 31.74 4.86 -2.37
C VAL A 153 32.33 3.46 -2.23
N ARG A 154 31.54 2.51 -1.75
CA ARG A 154 31.97 1.12 -1.59
C ARG A 154 31.54 0.25 -2.81
N MET B 1 -27.21 -12.17 -13.79
CA MET B 1 -25.79 -12.39 -14.20
C MET B 1 -25.41 -13.87 -14.14
N VAL B 2 -24.48 -14.22 -13.24
CA VAL B 2 -24.01 -15.58 -13.06
C VAL B 2 -25.13 -16.56 -12.72
N GLU B 3 -25.33 -17.55 -13.59
CA GLU B 3 -26.36 -18.55 -13.38
C GLU B 3 -25.80 -19.65 -12.46
N ILE B 4 -26.68 -20.25 -11.68
CA ILE B 4 -26.32 -21.30 -10.74
C ILE B 4 -26.47 -22.67 -11.40
N ASN B 5 -25.54 -23.57 -11.13
CA ASN B 5 -25.63 -24.93 -11.62
C ASN B 5 -25.23 -25.80 -10.45
N ASN B 6 -25.27 -27.12 -10.63
CA ASN B 6 -24.95 -28.02 -9.53
C ASN B 6 -23.58 -27.87 -8.91
N GLN B 7 -22.57 -27.63 -9.74
CA GLN B 7 -21.21 -27.46 -9.24
C GLN B 7 -21.10 -26.20 -8.40
N ARG B 8 -21.69 -25.12 -8.91
CA ARG B 8 -21.67 -23.82 -8.23
C ARG B 8 -22.44 -23.83 -6.94
N LYS B 9 -23.59 -24.49 -6.94
CA LYS B 9 -24.41 -24.61 -5.74
C LYS B 9 -23.63 -25.39 -4.67
N ALA B 10 -22.99 -26.48 -5.07
CA ALA B 10 -22.19 -27.28 -4.16
C ALA B 10 -21.05 -26.44 -3.58
N PHE B 11 -20.49 -25.54 -4.38
CA PHE B 11 -19.39 -24.69 -3.91
C PHE B 11 -19.90 -23.70 -2.85
N LEU B 12 -21.07 -23.13 -3.08
CA LEU B 12 -21.68 -22.20 -2.13
C LEU B 12 -22.01 -22.91 -0.82
N ASP B 13 -22.47 -24.16 -0.88
CA ASP B 13 -22.77 -24.91 0.34
C ASP B 13 -21.50 -25.23 1.12
N MET B 14 -20.43 -25.58 0.40
CA MET B 14 -19.14 -25.88 1.00
C MET B 14 -18.65 -24.60 1.71
N LEU B 15 -18.80 -23.47 1.02
CA LEU B 15 -18.41 -22.16 1.53
C LEU B 15 -19.18 -21.80 2.83
N ALA B 16 -20.51 -21.97 2.81
CA ALA B 16 -21.35 -21.69 3.99
C ALA B 16 -20.90 -22.55 5.18
N SER B 18 -17.80 -23.91 5.53
CA SER B 18 -16.48 -23.43 5.85
C SER B 18 -16.51 -22.18 6.72
N GLU B 19 -17.33 -21.20 6.34
CA GLU B 19 -17.47 -19.95 7.07
C GLU B 19 -18.23 -20.08 8.39
N GLY B 20 -18.81 -21.24 8.66
CA GLY B 20 -19.52 -21.44 9.91
C GLY B 20 -20.93 -20.87 10.01
N THR B 21 -21.53 -20.49 8.88
CA THR B 21 -22.90 -19.96 8.91
C THR B 21 -23.93 -21.10 8.78
N ASP B 22 -23.57 -22.13 8.02
CA ASP B 22 -24.47 -23.25 7.78
C ASP B 22 -23.68 -24.56 8.00
N ASN B 23 -23.51 -24.93 9.25
CA ASN B 23 -22.75 -26.13 9.57
C ASN B 23 -23.46 -27.00 10.61
N GLY B 24 -24.77 -26.85 10.74
CA GLY B 24 -25.50 -27.67 11.70
C GLY B 24 -25.25 -27.40 13.19
N ARG B 25 -24.35 -26.48 13.52
CA ARG B 25 -24.08 -26.15 14.92
C ARG B 25 -24.46 -24.69 15.19
N GLN B 26 -23.98 -23.78 14.33
CA GLN B 26 -24.31 -22.38 14.47
C GLN B 26 -25.83 -22.24 14.31
N LYS B 27 -26.48 -21.54 15.23
CA LYS B 27 -27.92 -21.35 15.15
C LYS B 27 -28.32 -20.54 13.92
N THR B 28 -29.44 -20.90 13.31
CA THR B 28 -29.93 -20.18 12.14
C THR B 28 -31.39 -20.58 11.87
N ARG B 29 -32.17 -19.67 11.31
CA ARG B 29 -33.55 -19.97 10.94
C ARG B 29 -33.63 -20.11 9.43
N ASN B 30 -32.50 -19.91 8.75
CA ASN B 30 -32.50 -19.94 7.30
C ASN B 30 -31.16 -20.29 6.66
N HIS B 31 -30.64 -21.46 7.01
CA HIS B 31 -29.41 -21.98 6.39
C HIS B 31 -28.22 -21.04 6.36
N GLY B 32 -28.07 -20.25 7.43
CA GLY B 32 -26.96 -19.32 7.53
C GLY B 32 -27.16 -17.97 6.88
N TYR B 33 -28.20 -17.79 6.08
CA TYR B 33 -28.46 -16.51 5.40
C TYR B 33 -28.77 -15.36 6.35
N ASP B 34 -29.00 -15.69 7.61
CA ASP B 34 -29.37 -14.68 8.60
C ASP B 34 -28.29 -14.51 9.67
N VAL B 35 -27.10 -15.03 9.43
CA VAL B 35 -26.05 -14.98 10.42
C VAL B 35 -25.14 -13.73 10.35
N ILE B 36 -24.98 -13.08 11.50
CA ILE B 36 -24.11 -11.91 11.60
C ILE B 36 -22.81 -12.42 12.23
N VAL B 37 -21.69 -11.83 11.85
CA VAL B 37 -20.39 -12.23 12.41
C VAL B 37 -20.52 -12.25 13.93
N GLY B 38 -20.01 -13.30 14.58
CA GLY B 38 -20.14 -13.37 16.02
C GLY B 38 -21.22 -14.38 16.42
N GLY B 39 -22.22 -14.60 15.57
CA GLY B 39 -23.23 -15.58 15.89
C GLY B 39 -24.65 -15.11 16.10
N GLU B 40 -24.90 -13.80 16.11
CA GLU B 40 -26.27 -13.33 16.29
C GLU B 40 -27.02 -13.35 14.94
N LEU B 41 -28.35 -13.34 14.99
CA LEU B 41 -29.17 -13.45 13.79
C LEU B 41 -29.95 -12.19 13.50
N PHE B 42 -30.25 -11.95 12.23
CA PHE B 42 -31.06 -10.80 11.86
C PHE B 42 -32.30 -11.33 11.17
N THR B 43 -33.34 -10.51 11.06
CA THR B 43 -34.58 -10.98 10.43
C THR B 43 -35.05 -10.13 9.28
N ASP B 44 -34.50 -8.92 9.17
CA ASP B 44 -34.88 -8.03 8.08
C ASP B 44 -33.90 -8.22 6.93
N TYR B 45 -34.40 -8.68 5.79
CA TYR B 45 -33.56 -8.94 4.62
C TYR B 45 -33.49 -7.82 3.59
N SER B 46 -34.02 -6.64 3.92
CA SER B 46 -33.99 -5.53 2.97
C SER B 46 -32.60 -4.91 2.80
N ASP B 47 -31.70 -5.16 3.75
CA ASP B 47 -30.35 -4.62 3.66
C ASP B 47 -29.43 -5.39 4.60
N HIS B 48 -28.13 -5.20 4.38
CA HIS B 48 -27.08 -5.80 5.20
C HIS B 48 -27.34 -5.22 6.60
N PRO B 49 -27.25 -6.03 7.67
CA PRO B 49 -27.51 -5.52 9.03
C PRO B 49 -26.55 -4.41 9.47
N ARG B 50 -25.37 -4.38 8.89
CA ARG B 50 -24.36 -3.34 9.16
C ARG B 50 -23.93 -3.24 10.62
N LYS B 51 -23.60 -4.38 11.20
CA LYS B 51 -23.18 -4.46 12.59
C LYS B 51 -21.81 -5.09 12.79
N LEU B 52 -21.18 -4.73 13.91
CA LEU B 52 -19.85 -5.21 14.31
C LEU B 52 -20.02 -5.76 15.71
N VAL B 53 -19.09 -6.60 16.15
CA VAL B 53 -19.14 -7.12 17.51
C VAL B 53 -17.89 -6.75 18.31
N THR B 54 -16.98 -5.99 17.69
CA THR B 54 -15.78 -5.56 18.39
C THR B 54 -15.23 -4.25 17.83
N LEU B 55 -14.67 -3.43 18.70
CA LEU B 55 -14.08 -2.19 18.22
C LEU B 55 -12.57 -2.33 18.10
N ASN B 56 -12.05 -3.53 18.38
CA ASN B 56 -10.61 -3.79 18.27
C ASN B 56 -10.27 -3.61 16.78
N PRO B 57 -9.44 -2.61 16.45
CA PRO B 57 -8.99 -2.24 15.10
C PRO B 57 -8.52 -3.37 14.20
N LYS B 58 -7.81 -4.35 14.75
CA LYS B 58 -7.32 -5.44 13.95
C LYS B 58 -8.37 -6.50 13.69
N LEU B 59 -9.24 -6.72 14.67
CA LEU B 59 -10.28 -7.73 14.59
C LEU B 59 -11.66 -7.32 14.04
N LYS B 60 -11.87 -6.02 13.80
CA LYS B 60 -13.15 -5.50 13.33
C LYS B 60 -13.80 -6.19 12.14
N SER B 61 -15.08 -6.56 12.26
CA SER B 61 -15.73 -7.16 11.10
C SER B 61 -17.24 -6.86 10.99
N THR B 62 -17.69 -6.70 9.74
CA THR B 62 -19.09 -6.43 9.48
C THR B 62 -19.70 -7.57 8.68
N GLY B 63 -19.02 -8.71 8.64
CA GLY B 63 -19.54 -9.84 7.89
C GLY B 63 -20.96 -10.20 8.29
N ALA B 64 -21.81 -10.47 7.29
CA ALA B 64 -23.19 -10.90 7.54
C ALA B 64 -23.67 -11.77 6.38
N GLY B 65 -24.68 -12.58 6.64
CA GLY B 65 -25.21 -13.44 5.59
C GLY B 65 -24.49 -14.76 5.54
N ARG B 66 -24.96 -15.61 4.65
CA ARG B 66 -24.42 -16.95 4.51
C ARG B 66 -22.93 -17.02 4.18
N TYR B 67 -22.43 -16.00 3.47
CA TYR B 67 -21.04 -16.01 3.08
C TYR B 67 -20.25 -14.91 3.78
N GLN B 68 -20.80 -14.39 4.87
CA GLN B 68 -20.15 -13.36 5.68
C GLN B 68 -19.57 -12.20 4.84
N LEU B 69 -20.44 -11.56 4.10
CA LEU B 69 -20.07 -10.45 3.24
C LEU B 69 -19.92 -9.17 4.08
N LEU B 70 -18.79 -8.48 3.91
CA LEU B 70 -18.50 -7.22 4.59
C LEU B 70 -19.44 -6.13 4.05
N SER B 71 -19.86 -5.20 4.89
CA SER B 71 -20.78 -4.15 4.44
C SER B 71 -20.23 -3.32 3.28
N ARG B 72 -18.95 -2.95 3.34
CA ARG B 72 -18.33 -2.15 2.29
C ARG B 72 -18.41 -2.86 0.94
N ASP B 75 -22.12 -2.80 -0.35
CA ASP B 75 -22.48 -1.55 -1.01
C ASP B 75 -21.95 -1.49 -2.43
N ALA B 76 -20.71 -1.93 -2.63
CA ALA B 76 -20.12 -1.91 -3.96
C ALA B 76 -20.96 -2.80 -4.90
N TYR B 77 -21.15 -4.05 -4.51
CA TYR B 77 -21.90 -5.00 -5.33
C TYR B 77 -23.38 -4.74 -5.48
N ARG B 78 -24.02 -4.20 -4.46
CA ARG B 78 -25.43 -3.89 -4.53
C ARG B 78 -25.65 -2.96 -5.71
N LYS B 79 -24.84 -1.90 -5.75
CA LYS B 79 -24.91 -0.88 -6.81
C LYS B 79 -24.56 -1.50 -8.15
N GLN B 80 -23.44 -2.20 -8.22
CA GLN B 80 -22.97 -2.83 -9.44
C GLN B 80 -23.93 -3.84 -10.07
N LEU B 81 -24.58 -4.66 -9.25
CA LEU B 81 -25.49 -5.68 -9.75
C LEU B 81 -26.96 -5.27 -9.74
N GLY B 82 -27.26 -4.09 -9.22
CA GLY B 82 -28.64 -3.63 -9.18
C GLY B 82 -29.55 -4.46 -8.27
N LEU B 83 -29.03 -4.84 -7.11
CA LEU B 83 -29.77 -5.64 -6.14
C LEU B 83 -30.65 -4.72 -5.29
N LYS B 84 -31.89 -5.15 -5.04
CA LYS B 84 -32.83 -4.36 -4.26
C LYS B 84 -32.94 -4.80 -2.80
N ASP B 85 -32.29 -5.89 -2.43
CA ASP B 85 -32.35 -6.35 -1.05
C ASP B 85 -31.17 -7.25 -0.71
N PHE B 86 -31.13 -7.71 0.53
CA PHE B 86 -30.07 -8.60 1.01
C PHE B 86 -30.71 -9.98 1.23
N SER B 87 -31.63 -10.36 0.35
CA SER B 87 -32.31 -11.66 0.45
C SER B 87 -31.32 -12.78 0.07
N PRO B 88 -31.65 -14.05 0.39
CA PRO B 88 -30.76 -15.16 0.06
C PRO B 88 -30.33 -15.18 -1.40
N LYS B 89 -31.26 -14.88 -2.31
CA LYS B 89 -30.90 -14.84 -3.72
C LYS B 89 -29.83 -13.75 -3.97
N SER B 90 -30.00 -12.57 -3.37
CA SER B 90 -29.02 -11.50 -3.52
C SER B 90 -27.65 -11.91 -2.96
N GLN B 91 -27.65 -12.57 -1.81
CA GLN B 91 -26.42 -13.01 -1.18
C GLN B 91 -25.67 -13.99 -2.08
N ASP B 92 -26.40 -14.92 -2.70
CA ASP B 92 -25.82 -15.92 -3.60
C ASP B 92 -25.22 -15.19 -4.81
N ALA B 93 -25.97 -14.23 -5.32
CA ALA B 93 -25.53 -13.45 -6.48
C ALA B 93 -24.19 -12.79 -6.25
N VAL B 94 -24.04 -12.10 -5.12
CA VAL B 94 -22.79 -11.42 -4.79
C VAL B 94 -21.62 -12.41 -4.66
N ALA B 95 -21.85 -13.53 -3.97
CA ALA B 95 -20.80 -14.55 -3.79
C ALA B 95 -20.34 -15.08 -5.14
N LEU B 96 -21.30 -15.42 -6.01
CA LEU B 96 -20.96 -15.92 -7.34
C LEU B 96 -20.22 -14.88 -8.16
N GLN B 97 -20.60 -13.62 -8.02
CA GLN B 97 -19.94 -12.53 -8.73
C GLN B 97 -18.46 -12.44 -8.30
N GLN B 98 -18.21 -12.55 -7.00
CA GLN B 98 -16.84 -12.46 -6.50
C GLN B 98 -16.02 -13.65 -6.98
N ILE B 99 -16.65 -14.81 -7.03
CA ILE B 99 -15.99 -16.02 -7.52
C ILE B 99 -15.68 -15.85 -9.01
N LYS B 100 -16.60 -15.24 -9.74
CA LYS B 100 -16.44 -15.00 -11.19
C LYS B 100 -15.23 -14.11 -11.39
N GLU B 101 -15.13 -13.04 -10.62
CA GLU B 101 -14.01 -12.09 -10.70
C GLU B 101 -12.62 -12.65 -10.42
N ARG B 102 -12.51 -13.66 -9.56
CA ARG B 102 -11.21 -14.28 -9.28
C ARG B 102 -10.90 -15.40 -10.30
N GLY B 103 -11.72 -15.55 -11.34
CA GLY B 103 -11.49 -16.56 -12.35
C GLY B 103 -11.68 -18.00 -11.89
N ALA B 104 -12.50 -18.22 -10.87
CA ALA B 104 -12.71 -19.58 -10.36
C ALA B 104 -13.88 -20.37 -10.93
N LEU B 105 -14.82 -19.71 -11.62
CA LEU B 105 -15.99 -20.42 -12.18
C LEU B 105 -15.64 -21.62 -13.08
N PRO B 106 -14.73 -21.45 -14.06
CA PRO B 106 -14.38 -22.60 -14.91
C PRO B 106 -13.80 -23.73 -14.08
N MET B 107 -13.02 -23.37 -13.06
CA MET B 107 -12.41 -24.36 -12.18
C MET B 107 -13.49 -25.15 -11.43
N ILE B 108 -14.50 -24.43 -10.92
CA ILE B 108 -15.59 -25.06 -10.19
C ILE B 108 -16.39 -25.97 -11.13
N ASP B 109 -16.79 -25.42 -12.29
CA ASP B 109 -17.55 -26.18 -13.28
C ASP B 109 -16.88 -27.47 -13.72
N ARG B 110 -15.56 -27.44 -13.88
CA ARG B 110 -14.85 -28.64 -14.31
C ARG B 110 -14.44 -29.58 -13.19
N GLY B 111 -14.62 -29.16 -11.94
CA GLY B 111 -14.26 -30.04 -10.83
C GLY B 111 -12.87 -29.84 -10.24
N ASP B 112 -12.19 -28.77 -10.60
CA ASP B 112 -10.87 -28.49 -10.03
C ASP B 112 -11.07 -27.64 -8.77
N ILE B 113 -11.63 -28.27 -7.75
CA ILE B 113 -11.97 -27.59 -6.50
C ILE B 113 -10.81 -27.05 -5.70
N ARG B 114 -9.71 -27.80 -5.65
CA ARG B 114 -8.54 -27.38 -4.90
C ARG B 114 -8.03 -26.02 -5.43
N GLN B 115 -8.08 -25.84 -6.75
CA GLN B 115 -7.63 -24.62 -7.39
C GLN B 115 -8.62 -23.50 -7.13
N ALA B 116 -9.91 -23.81 -7.24
CA ALA B 116 -10.96 -22.83 -7.00
C ALA B 116 -10.83 -22.32 -5.56
N ILE B 117 -10.59 -23.22 -4.60
CA ILE B 117 -10.44 -22.83 -3.21
C ILE B 117 -9.28 -21.85 -3.02
N ASP B 118 -8.14 -22.17 -3.64
CA ASP B 118 -6.95 -21.33 -3.58
C ASP B 118 -7.23 -19.95 -4.17
N ARG B 119 -7.88 -19.91 -5.33
CA ARG B 119 -8.20 -18.62 -5.95
C ARG B 119 -9.14 -17.79 -5.06
N CYS B 120 -10.05 -18.46 -4.35
CA CYS B 120 -11.01 -17.78 -3.53
C CYS B 120 -10.56 -17.47 -2.10
N SER B 121 -9.37 -17.93 -1.72
CA SER B 121 -8.86 -17.67 -0.37
C SER B 121 -8.63 -16.18 -0.08
N ASN B 122 -8.58 -15.38 -1.12
CA ASN B 122 -8.36 -13.95 -1.06
C ASN B 122 -9.65 -13.25 -0.62
N ILE B 123 -10.78 -13.94 -0.77
CA ILE B 123 -12.09 -13.39 -0.39
C ILE B 123 -12.58 -13.90 0.97
N ALA B 125 -11.94 -15.79 4.56
CA ALA B 125 -10.95 -16.10 5.60
C ALA B 125 -10.85 -17.56 6.07
N SER B 126 -11.90 -18.36 5.87
CA SER B 126 -11.84 -19.76 6.29
C SER B 126 -11.17 -20.66 5.25
N LEU B 127 -11.01 -20.16 4.02
CA LEU B 127 -10.39 -20.95 2.95
C LEU B 127 -8.87 -20.98 3.18
N PRO B 128 -8.29 -22.21 3.33
CA PRO B 128 -6.89 -22.56 3.56
C PRO B 128 -5.93 -21.67 2.78
N GLY B 129 -5.02 -21.04 3.52
CA GLY B 129 -4.10 -20.12 2.90
C GLY B 129 -4.58 -18.68 2.98
N ALA B 130 -5.83 -18.47 3.40
CA ALA B 130 -6.38 -17.13 3.50
C ALA B 130 -5.43 -16.16 4.22
N GLY B 131 -4.79 -16.62 5.28
CA GLY B 131 -3.83 -15.76 5.97
C GLY B 131 -4.30 -14.83 7.07
N TYR B 132 -5.50 -15.05 7.61
CA TYR B 132 -5.96 -14.23 8.72
C TYR B 132 -5.62 -15.08 9.97
N GLY B 133 -5.88 -14.53 11.15
CA GLY B 133 -5.61 -15.28 12.35
C GLY B 133 -6.68 -16.34 12.65
N GLN B 134 -7.68 -16.43 11.78
CA GLN B 134 -8.76 -17.38 11.97
C GLN B 134 -8.45 -18.83 11.61
N PHE B 135 -9.34 -19.71 12.07
CA PHE B 135 -9.23 -21.14 11.80
C PHE B 135 -9.49 -21.36 10.30
N GLU B 136 -8.68 -22.20 9.67
CA GLU B 136 -8.85 -22.49 8.27
C GLU B 136 -9.04 -23.99 8.14
N HIS B 137 -10.07 -24.40 7.41
CA HIS B 137 -10.36 -25.81 7.23
C HIS B 137 -9.33 -26.41 6.30
N LYS B 138 -9.14 -27.73 6.40
CA LYS B 138 -8.19 -28.37 5.50
C LYS B 138 -8.91 -28.54 4.17
N ALA B 139 -8.14 -28.56 3.09
CA ALA B 139 -8.68 -28.71 1.74
C ALA B 139 -9.50 -30.00 1.66
N ASP B 140 -9.00 -31.03 2.33
CA ASP B 140 -9.66 -32.33 2.33
C ASP B 140 -11.08 -32.29 2.90
N SER B 141 -11.23 -31.63 4.04
CA SER B 141 -12.55 -31.48 4.68
C SER B 141 -13.42 -30.67 3.74
N LEU B 142 -12.86 -29.65 3.09
CA LEU B 142 -13.64 -28.84 2.17
C LEU B 142 -14.11 -29.65 0.97
N ILE B 143 -13.20 -30.42 0.37
CA ILE B 143 -13.55 -31.25 -0.77
C ILE B 143 -14.60 -32.30 -0.40
N ALA B 144 -14.50 -32.86 0.80
CA ALA B 144 -15.47 -33.84 1.28
C ALA B 144 -16.86 -33.20 1.37
N LYS B 145 -16.91 -31.99 1.94
CA LYS B 145 -18.16 -31.26 2.09
C LYS B 145 -18.74 -30.91 0.73
N PHE B 146 -17.85 -30.56 -0.21
CA PHE B 146 -18.26 -30.22 -1.56
C PHE B 146 -18.91 -31.45 -2.20
N LYS B 147 -18.31 -32.62 -2.01
CA LYS B 147 -18.86 -33.84 -2.59
C LYS B 147 -20.18 -34.23 -1.97
N GLU B 148 -20.35 -34.05 -0.66
CA GLU B 148 -21.63 -34.41 -0.08
C GLU B 148 -22.74 -33.45 -0.46
N ALA B 149 -22.37 -32.28 -0.95
CA ALA B 149 -23.36 -31.31 -1.39
C ALA B 149 -23.76 -31.66 -2.83
N GLY B 150 -23.19 -32.75 -3.36
CA GLY B 150 -23.52 -33.16 -4.70
C GLY B 150 -22.54 -32.74 -5.78
N GLY B 151 -21.43 -32.11 -5.41
CA GLY B 151 -20.48 -31.69 -6.41
C GLY B 151 -19.56 -32.83 -6.82
N THR B 152 -19.06 -32.76 -8.05
CA THR B 152 -18.16 -33.79 -8.56
C THR B 152 -16.75 -33.19 -8.69
N VAL B 153 -15.78 -33.90 -8.13
CA VAL B 153 -14.38 -33.44 -8.16
C VAL B 153 -13.68 -34.22 -9.26
N ARG B 154 -12.66 -33.60 -9.87
CA ARG B 154 -11.89 -34.24 -10.93
C ARG B 154 -10.64 -34.93 -10.34
N MET C 1 4.20 -16.17 6.02
CA MET C 1 3.47 -15.09 5.30
C MET C 1 3.06 -14.04 6.33
N VAL C 2 2.92 -12.79 5.89
CA VAL C 2 2.49 -11.72 6.79
C VAL C 2 0.99 -11.94 6.89
N GLU C 3 0.48 -11.85 8.11
CA GLU C 3 -0.92 -12.08 8.36
C GLU C 3 -1.78 -10.90 7.93
N ILE C 4 -2.98 -11.17 7.42
CA ILE C 4 -3.85 -10.06 7.06
C ILE C 4 -4.83 -9.83 8.21
N ASN C 5 -5.07 -8.57 8.55
CA ASN C 5 -6.06 -8.22 9.57
C ASN C 5 -6.79 -7.01 9.01
N ASN C 6 -7.81 -6.53 9.71
CA ASN C 6 -8.59 -5.38 9.25
C ASN C 6 -7.78 -4.10 8.95
N GLN C 7 -6.81 -3.80 9.79
CA GLN C 7 -5.99 -2.61 9.59
C GLN C 7 -5.14 -2.75 8.33
N ARG C 8 -4.51 -3.91 8.17
CA ARG C 8 -3.66 -4.18 7.01
C ARG C 8 -4.43 -4.22 5.71
N LYS C 9 -5.63 -4.80 5.76
CA LYS C 9 -6.46 -4.89 4.57
C LYS C 9 -6.87 -3.46 4.16
N ALA C 10 -7.25 -2.65 5.13
CA ALA C 10 -7.63 -1.28 4.84
C ALA C 10 -6.45 -0.54 4.22
N PHE C 11 -5.23 -0.85 4.67
CA PHE C 11 -4.05 -0.20 4.12
C PHE C 11 -3.84 -0.59 2.65
N LEU C 12 -4.00 -1.88 2.34
CA LEU C 12 -3.87 -2.37 0.97
C LEU C 12 -4.93 -1.72 0.06
N ASP C 13 -6.14 -1.52 0.57
CA ASP C 13 -7.19 -0.90 -0.24
C ASP C 13 -6.87 0.57 -0.51
N MET C 14 -6.38 1.27 0.51
CA MET C 14 -5.97 2.67 0.40
C MET C 14 -4.87 2.77 -0.65
N LEU C 15 -3.93 1.85 -0.57
CA LEU C 15 -2.82 1.76 -1.49
C LEU C 15 -3.28 1.52 -2.93
N ALA C 16 -4.19 0.56 -3.15
CA ALA C 16 -4.73 0.26 -4.49
C ALA C 16 -5.43 1.49 -5.06
N SER C 18 -4.73 4.71 -4.09
CA SER C 18 -3.65 5.66 -4.31
C SER C 18 -2.90 5.40 -5.62
N GLU C 19 -2.57 4.13 -5.87
CA GLU C 19 -1.84 3.76 -7.08
C GLU C 19 -2.69 3.80 -8.35
N GLY C 20 -4.01 4.00 -8.21
CA GLY C 20 -4.85 4.07 -9.39
C GLY C 20 -5.26 2.75 -10.04
N THR C 21 -5.08 1.64 -9.35
CA THR C 21 -5.48 0.35 -9.90
C THR C 21 -6.93 0.01 -9.51
N ASP C 22 -7.34 0.43 -8.31
CA ASP C 22 -8.67 0.16 -7.81
C ASP C 22 -9.24 1.45 -7.25
N ASN C 23 -9.70 2.33 -8.13
CA ASN C 23 -10.22 3.60 -7.68
C ASN C 23 -11.56 3.93 -8.32
N GLY C 24 -12.24 2.92 -8.85
CA GLY C 24 -13.52 3.15 -9.48
C GLY C 24 -13.50 3.94 -10.79
N ARG C 25 -12.32 4.28 -11.30
CA ARG C 25 -12.22 5.02 -12.58
C ARG C 25 -11.51 4.06 -13.55
N GLN C 26 -10.33 3.61 -13.15
CA GLN C 26 -9.54 2.71 -13.97
C GLN C 26 -10.32 1.43 -14.22
N LYS C 27 -10.34 0.99 -15.47
CA LYS C 27 -11.05 -0.23 -15.81
C LYS C 27 -10.34 -1.45 -15.17
N THR C 28 -11.14 -2.42 -14.72
CA THR C 28 -10.61 -3.64 -14.14
C THR C 28 -11.70 -4.69 -14.03
N ARG C 29 -11.32 -5.96 -14.13
CA ARG C 29 -12.30 -7.04 -13.99
C ARG C 29 -12.09 -7.69 -12.63
N ASN C 30 -11.11 -7.20 -11.86
CA ASN C 30 -10.81 -7.83 -10.59
C ASN C 30 -10.11 -6.94 -9.58
N HIS C 31 -10.76 -5.83 -9.24
CA HIS C 31 -10.28 -4.90 -8.22
C HIS C 31 -8.84 -4.40 -8.37
N GLY C 32 -8.40 -4.20 -9.60
CA GLY C 32 -7.07 -3.70 -9.85
C GLY C 32 -5.98 -4.75 -9.91
N TYR C 33 -6.32 -5.99 -9.55
CA TYR C 33 -5.32 -7.07 -9.57
C TYR C 33 -4.82 -7.45 -10.96
N ASP C 34 -5.51 -6.95 -11.97
CA ASP C 34 -5.18 -7.26 -13.37
C ASP C 34 -4.69 -6.04 -14.13
N VAL C 35 -4.32 -4.97 -13.41
CA VAL C 35 -3.88 -3.74 -14.06
C VAL C 35 -2.39 -3.63 -14.35
N ILE C 36 -2.05 -3.29 -15.59
CA ILE C 36 -0.66 -3.11 -15.99
C ILE C 36 -0.46 -1.59 -16.03
N VAL C 37 0.74 -1.13 -15.67
CA VAL C 37 1.05 0.29 -15.71
C VAL C 37 0.62 0.85 -17.07
N GLY C 38 -0.07 1.97 -17.06
CA GLY C 38 -0.54 2.54 -18.31
C GLY C 38 -2.02 2.32 -18.50
N GLY C 39 -2.58 1.28 -17.87
CA GLY C 39 -4.01 1.05 -17.98
C GLY C 39 -4.51 -0.20 -18.69
N GLU C 40 -3.63 -0.98 -19.28
CA GLU C 40 -4.05 -2.20 -19.95
C GLU C 40 -4.29 -3.30 -18.91
N LEU C 41 -5.05 -4.32 -19.27
CA LEU C 41 -5.36 -5.42 -18.35
C LEU C 41 -4.77 -6.74 -18.82
N PHE C 42 -4.44 -7.62 -17.89
CA PHE C 42 -3.93 -8.93 -18.28
C PHE C 42 -4.95 -9.94 -17.73
N THR C 43 -4.87 -11.20 -18.17
CA THR C 43 -5.81 -12.22 -17.71
C THR C 43 -5.16 -13.47 -17.18
N ASP C 44 -3.88 -13.64 -17.48
CA ASP C 44 -3.16 -14.82 -17.02
C ASP C 44 -2.45 -14.44 -15.72
N TYR C 45 -2.81 -15.12 -14.64
CA TYR C 45 -2.24 -14.83 -13.32
C TYR C 45 -1.09 -15.75 -12.92
N SER C 46 -0.57 -16.55 -13.85
CA SER C 46 0.51 -17.46 -13.50
C SER C 46 1.85 -16.75 -13.33
N ASP C 47 1.95 -15.52 -13.82
CA ASP C 47 3.19 -14.76 -13.68
C ASP C 47 2.93 -13.30 -13.96
N HIS C 48 3.89 -12.47 -13.55
CA HIS C 48 3.85 -11.02 -13.78
C HIS C 48 3.80 -10.92 -15.32
N PRO C 49 2.97 -10.00 -15.86
CA PRO C 49 2.90 -9.87 -17.33
C PRO C 49 4.23 -9.50 -17.99
N ARG C 50 5.10 -8.82 -17.23
CA ARG C 50 6.43 -8.40 -17.70
C ARG C 50 6.41 -7.52 -18.95
N LYS C 51 5.34 -6.76 -19.13
CA LYS C 51 5.22 -5.89 -20.28
C LYS C 51 5.90 -4.57 -19.94
N LEU C 52 6.90 -4.20 -20.72
CA LEU C 52 7.63 -2.96 -20.51
C LEU C 52 6.82 -1.85 -21.17
N VAL C 53 6.33 -0.90 -20.39
CA VAL C 53 5.54 0.17 -20.97
C VAL C 53 6.29 1.50 -20.98
N THR C 54 6.28 2.17 -22.13
CA THR C 54 6.92 3.46 -22.27
C THR C 54 5.82 4.50 -22.06
N LEU C 55 5.80 5.06 -20.86
CA LEU C 55 4.81 6.06 -20.44
C LEU C 55 5.00 7.42 -21.10
N ASN C 56 6.19 7.61 -21.66
CA ASN C 56 6.58 8.81 -22.39
C ASN C 56 8.00 8.56 -22.87
N PRO C 57 8.47 9.33 -23.88
CA PRO C 57 9.83 9.15 -24.39
C PRO C 57 10.95 9.02 -23.34
N LYS C 58 10.68 9.40 -22.10
CA LYS C 58 11.69 9.31 -21.05
C LYS C 58 11.25 8.56 -19.76
N LEU C 59 10.21 7.72 -19.86
CA LEU C 59 9.74 6.96 -18.71
C LEU C 59 9.23 5.55 -19.05
N LYS C 60 9.85 4.56 -18.43
CA LYS C 60 9.48 3.17 -18.63
C LYS C 60 9.23 2.59 -17.25
N SER C 61 8.37 1.58 -17.19
CA SER C 61 8.01 0.90 -15.96
C SER C 61 7.39 -0.46 -16.29
N THR C 62 7.55 -1.42 -15.39
CA THR C 62 6.97 -2.74 -15.57
C THR C 62 5.91 -3.01 -14.48
N GLY C 63 5.47 -1.95 -13.79
CA GLY C 63 4.49 -2.11 -12.73
C GLY C 63 3.24 -2.86 -13.18
N ALA C 64 2.81 -3.84 -12.40
CA ALA C 64 1.62 -4.60 -12.74
C ALA C 64 0.96 -5.07 -11.46
N GLY C 65 -0.33 -5.39 -11.53
CA GLY C 65 -1.02 -5.86 -10.36
C GLY C 65 -1.60 -4.73 -9.57
N ARG C 66 -2.34 -5.08 -8.53
CA ARG C 66 -3.01 -4.11 -7.69
C ARG C 66 -2.11 -3.07 -7.05
N TYR C 67 -0.86 -3.44 -6.77
CA TYR C 67 0.08 -2.53 -6.12
C TYR C 67 1.21 -2.10 -7.05
N GLN C 68 1.02 -2.33 -8.35
CA GLN C 68 1.99 -1.92 -9.35
C GLN C 68 3.41 -2.36 -9.02
N LEU C 69 3.58 -3.67 -8.84
CA LEU C 69 4.86 -4.27 -8.53
C LEU C 69 5.74 -4.36 -9.79
N LEU C 70 6.99 -3.91 -9.69
CA LEU C 70 7.96 -3.96 -10.81
C LEU C 70 8.38 -5.40 -10.98
N SER C 71 8.66 -5.81 -12.22
CA SER C 71 9.04 -7.20 -12.47
C SER C 71 10.30 -7.65 -11.72
N ARG C 72 11.30 -6.78 -11.60
CA ARG C 72 12.53 -7.15 -10.91
C ARG C 72 12.26 -7.41 -9.44
N ASP C 75 10.43 -10.87 -9.12
CA ASP C 75 11.35 -12.01 -9.17
C ASP C 75 12.04 -12.24 -7.84
N ALA C 76 12.51 -11.16 -7.22
CA ALA C 76 13.17 -11.28 -5.92
C ALA C 76 12.22 -11.92 -4.89
N TYR C 77 11.03 -11.34 -4.75
CA TYR C 77 10.05 -11.85 -3.79
C TYR C 77 9.40 -13.16 -4.10
N ARG C 78 9.18 -13.46 -5.37
CA ARG C 78 8.56 -14.75 -5.70
C ARG C 78 9.49 -15.86 -5.19
N LYS C 79 10.79 -15.71 -5.44
CA LYS C 79 11.78 -16.68 -4.99
C LYS C 79 11.85 -16.72 -3.45
N GLN C 80 11.98 -15.55 -2.84
CA GLN C 80 12.06 -15.43 -1.40
C GLN C 80 10.86 -15.98 -0.62
N LEU C 81 9.66 -15.75 -1.13
CA LEU C 81 8.46 -16.21 -0.44
C LEU C 81 7.90 -17.54 -0.93
N GLY C 82 8.49 -18.09 -1.98
CA GLY C 82 8.04 -19.36 -2.54
C GLY C 82 6.67 -19.30 -3.17
N LEU C 83 6.41 -18.22 -3.91
CA LEU C 83 5.12 -18.02 -4.56
C LEU C 83 5.11 -18.75 -5.91
N LYS C 84 4.01 -19.43 -6.18
CA LYS C 84 3.84 -20.20 -7.41
C LYS C 84 3.14 -19.46 -8.54
N ASP C 85 2.56 -18.29 -8.25
CA ASP C 85 1.85 -17.52 -9.27
C ASP C 85 1.77 -16.05 -8.91
N PHE C 86 1.13 -15.28 -9.77
CA PHE C 86 0.93 -13.85 -9.57
C PHE C 86 -0.57 -13.62 -9.31
N SER C 87 -1.20 -14.53 -8.57
CA SER C 87 -2.62 -14.40 -8.25
C SER C 87 -2.82 -13.28 -7.22
N PRO C 88 -4.07 -12.82 -7.02
CA PRO C 88 -4.35 -11.75 -6.04
C PRO C 88 -3.73 -12.02 -4.68
N LYS C 89 -3.85 -13.23 -4.17
CA LYS C 89 -3.25 -13.58 -2.88
C LYS C 89 -1.72 -13.38 -2.89
N SER C 90 -1.05 -13.77 -3.98
CA SER C 90 0.40 -13.61 -4.10
C SER C 90 0.77 -12.13 -4.15
N GLN C 91 -0.05 -11.34 -4.83
CA GLN C 91 0.20 -9.90 -4.92
C GLN C 91 0.08 -9.23 -3.54
N ASP C 92 -0.93 -9.63 -2.76
CA ASP C 92 -1.12 -9.11 -1.41
C ASP C 92 0.10 -9.51 -0.54
N ALA C 93 0.53 -10.75 -0.70
CA ALA C 93 1.66 -11.28 0.05
C ALA C 93 2.91 -10.43 -0.13
N VAL C 94 3.25 -10.14 -1.38
CA VAL C 94 4.44 -9.33 -1.68
C VAL C 94 4.33 -7.91 -1.12
N ALA C 95 3.16 -7.29 -1.25
CA ALA C 95 2.96 -5.93 -0.75
C ALA C 95 3.14 -5.91 0.77
N LEU C 96 2.54 -6.88 1.46
CA LEU C 96 2.65 -6.96 2.91
C LEU C 96 4.08 -7.21 3.35
N GLN C 97 4.78 -8.06 2.59
CA GLN C 97 6.19 -8.34 2.88
C GLN C 97 7.03 -7.06 2.77
N GLN C 98 6.77 -6.25 1.76
CA GLN C 98 7.52 -5.01 1.59
C GLN C 98 7.21 -4.04 2.72
N ILE C 99 5.95 -4.00 3.13
CA ILE C 99 5.52 -3.13 4.23
C ILE C 99 6.18 -3.61 5.52
N LYS C 100 6.28 -4.93 5.67
CA LYS C 100 6.90 -5.51 6.85
C LYS C 100 8.34 -5.07 6.94
N GLU C 101 9.06 -5.20 5.83
CA GLU C 101 10.48 -4.85 5.77
C GLU C 101 10.77 -3.39 6.03
N ARG C 102 9.78 -2.54 5.82
CA ARG C 102 9.95 -1.11 6.08
C ARG C 102 9.59 -0.81 7.53
N GLY C 103 9.27 -1.84 8.31
CA GLY C 103 8.89 -1.62 9.70
C GLY C 103 7.60 -0.85 9.88
N ALA C 104 6.69 -0.93 8.89
CA ALA C 104 5.44 -0.20 8.97
C ALA C 104 4.24 -0.95 9.58
N LEU C 105 4.33 -2.27 9.70
CA LEU C 105 3.21 -3.07 10.24
C LEU C 105 2.70 -2.61 11.61
N PRO C 106 3.60 -2.42 12.60
CA PRO C 106 3.12 -1.97 13.91
C PRO C 106 2.39 -0.63 13.81
N MET C 107 2.89 0.24 12.94
CA MET C 107 2.26 1.55 12.73
C MET C 107 0.84 1.40 12.16
N ILE C 108 0.71 0.50 11.19
CA ILE C 108 -0.59 0.24 10.58
C ILE C 108 -1.54 -0.37 11.60
N ASP C 109 -1.07 -1.40 12.29
CA ASP C 109 -1.89 -2.08 13.30
C ASP C 109 -2.38 -1.13 14.39
N ARG C 110 -1.54 -0.20 14.82
CA ARG C 110 -1.93 0.70 15.89
C ARG C 110 -2.69 1.93 15.43
N GLY C 111 -2.78 2.14 14.12
CA GLY C 111 -3.50 3.30 13.62
C GLY C 111 -2.68 4.56 13.30
N ASP C 112 -1.35 4.47 13.33
CA ASP C 112 -0.49 5.61 12.99
C ASP C 112 -0.27 5.58 11.48
N ILE C 113 -1.33 5.89 10.73
CA ILE C 113 -1.29 5.84 9.27
C ILE C 113 -0.37 6.83 8.59
N ARG C 114 -0.32 8.05 9.12
CA ARG C 114 0.53 9.08 8.57
C ARG C 114 1.98 8.60 8.54
N GLN C 115 2.42 7.97 9.63
CA GLN C 115 3.78 7.44 9.73
C GLN C 115 3.98 6.26 8.80
N ALA C 116 3.01 5.36 8.73
CA ALA C 116 3.10 4.19 7.84
C ALA C 116 3.26 4.67 6.39
N ILE C 117 2.46 5.66 6.00
CA ILE C 117 2.53 6.22 4.65
C ILE C 117 3.93 6.75 4.34
N ASP C 118 4.50 7.53 5.26
CA ASP C 118 5.85 8.07 5.10
C ASP C 118 6.89 6.95 4.97
N ARG C 119 6.79 5.94 5.81
CA ARG C 119 7.69 4.81 5.75
C ARG C 119 7.61 4.04 4.44
N CYS C 120 6.41 3.96 3.88
CA CYS C 120 6.20 3.23 2.64
C CYS C 120 6.37 4.03 1.37
N SER C 121 6.63 5.34 1.50
CA SER C 121 6.78 6.21 0.33
C SER C 121 7.95 5.83 -0.55
N ASN C 122 8.92 5.10 -0.02
CA ASN C 122 10.05 4.73 -0.84
C ASN C 122 9.73 3.53 -1.75
N ILE C 123 8.58 2.88 -1.51
CA ILE C 123 8.18 1.72 -2.33
C ILE C 123 7.18 2.13 -3.37
N ALA C 125 5.23 5.06 -5.54
CA ALA C 125 5.33 6.41 -6.06
C ALA C 125 4.19 7.36 -5.75
N SER C 126 2.99 6.84 -5.49
CA SER C 126 1.84 7.70 -5.21
C SER C 126 1.80 8.20 -3.77
N LEU C 127 2.57 7.56 -2.90
CA LEU C 127 2.61 7.93 -1.48
C LEU C 127 3.59 9.09 -1.26
N PRO C 128 3.20 10.14 -0.55
CA PRO C 128 4.22 11.19 -0.38
C PRO C 128 5.13 10.92 0.82
N GLY C 129 6.33 11.50 0.82
CA GLY C 129 7.22 11.34 1.95
C GLY C 129 6.92 12.54 2.83
N ALA C 130 7.27 12.47 4.10
CA ALA C 130 6.96 13.57 5.04
C ALA C 130 7.73 14.89 4.85
N GLY C 131 8.94 14.81 4.32
CA GLY C 131 9.71 16.02 4.07
C GLY C 131 9.22 16.77 2.84
N TYR C 132 8.41 16.13 1.97
CA TYR C 132 7.90 16.77 0.73
C TYR C 132 6.80 17.78 1.03
N GLY C 133 6.69 18.80 0.18
CA GLY C 133 5.69 19.82 0.38
C GLY C 133 4.21 19.44 0.45
N GLN C 134 3.76 18.55 -0.42
CA GLN C 134 2.33 18.19 -0.43
C GLN C 134 1.86 17.07 0.51
N PHE C 135 2.73 16.61 1.40
CA PHE C 135 2.40 15.51 2.31
C PHE C 135 1.12 15.65 3.13
N GLU C 136 1.02 16.72 3.92
CA GLU C 136 -0.17 16.91 4.74
C GLU C 136 -1.46 16.85 3.93
N HIS C 137 -1.43 17.47 2.75
CA HIS C 137 -2.60 17.47 1.90
C HIS C 137 -2.91 16.08 1.34
N LYS C 138 -1.91 15.39 0.81
CA LYS C 138 -2.13 14.06 0.26
C LYS C 138 -2.49 13.01 1.31
N ALA C 139 -1.90 13.14 2.50
CA ALA C 139 -2.17 12.21 3.57
C ALA C 139 -3.63 12.28 4.03
N ASP C 140 -4.26 13.45 3.93
CA ASP C 140 -5.67 13.58 4.33
C ASP C 140 -6.56 12.73 3.45
N SER C 141 -6.36 12.82 2.13
CA SER C 141 -7.12 12.03 1.17
C SER C 141 -6.88 10.56 1.47
N LEU C 142 -5.60 10.19 1.63
CA LEU C 142 -5.26 8.81 1.91
C LEU C 142 -5.89 8.30 3.20
N ILE C 143 -5.84 9.12 4.24
CA ILE C 143 -6.41 8.76 5.53
C ILE C 143 -7.91 8.59 5.40
N ALA C 144 -8.54 9.42 4.59
CA ALA C 144 -9.98 9.32 4.38
C ALA C 144 -10.34 7.99 3.73
N LYS C 145 -9.58 7.62 2.69
CA LYS C 145 -9.82 6.35 2.00
C LYS C 145 -9.54 5.18 2.93
N PHE C 146 -8.51 5.30 3.77
CA PHE C 146 -8.19 4.25 4.72
C PHE C 146 -9.38 4.03 5.66
N LYS C 147 -9.96 5.13 6.14
CA LYS C 147 -11.10 5.09 7.04
C LYS C 147 -12.31 4.46 6.38
N GLU C 148 -12.57 4.82 5.13
CA GLU C 148 -13.74 4.21 4.50
C GLU C 148 -13.57 2.75 4.16
N ALA C 149 -12.34 2.28 4.13
CA ALA C 149 -12.06 0.87 3.89
C ALA C 149 -12.22 0.11 5.21
N GLY C 150 -12.59 0.83 6.27
CA GLY C 150 -12.79 0.21 7.57
C GLY C 150 -11.64 0.30 8.55
N GLY C 151 -10.59 1.03 8.20
CA GLY C 151 -9.47 1.14 9.10
C GLY C 151 -9.71 2.19 10.17
N THR C 152 -9.08 2.03 11.32
CA THR C 152 -9.22 2.98 12.42
C THR C 152 -7.92 3.74 12.58
N VAL C 153 -8.01 5.06 12.61
CA VAL C 153 -6.85 5.93 12.75
C VAL C 153 -6.76 6.36 14.21
N ARG C 154 -5.55 6.61 14.70
CA ARG C 154 -5.33 7.03 16.08
C ARG C 154 -5.17 8.57 16.18
#